data_3JWE
#
_entry.id   3JWE
#
_cell.length_a   87.821
_cell.length_b   138.506
_cell.length_c   127.381
_cell.angle_alpha   90.00
_cell.angle_beta   90.00
_cell.angle_gamma   90.00
#
_symmetry.space_group_name_H-M   'I 2 2 2'
#
loop_
_entity.id
_entity.type
_entity.pdbx_description
1 polymer 'MGLL protein'
2 non-polymer 1-[bis(4-fluorophenyl)methyl]-4-(1H-1,2,4-triazol-1-ylcarbonyl)piperazine
3 water water
#
_entity_poly.entity_id   1
_entity_poly.type   'polypeptide(L)'
_entity_poly.pdbx_seq_one_letter_code
;MHHHHHHMETGPEDPSSMPEESSPRRTPQSIPYQDLPHLVNADGQYLFCRYWKPTGTPKALIFVSHGAGEHSGRYEELAR
MLMGLDLLVFAHDHVGHGQSEGERMVVSDFHVFVRDVLQHVDSMQKDYPGLPVFLLGHSMGGAIAILTAAERPGHFAGMV
LISPLVLANPESATTFKVLAAKVLNLVLPNLSLGPIDSSVLSRNKTEVDIYNSDPLICRAGLKVCFGIQLLNAVSRVERA
LPKLTVPFLLLQGSADRLCDSKGAYLLMELAKSQDKTLKIYEGAYHVLHKELPEVTNSVFHEINMWVSQRTATAGTASPP
;
_entity_poly.pdbx_strand_id   A,B
#
# COMPACT_ATOMS: atom_id res chain seq x y z
N SER A 23 -28.94 36.07 25.40
CA SER A 23 -27.50 36.22 25.19
C SER A 23 -27.01 35.46 23.94
N PRO A 24 -26.00 35.98 23.19
CA PRO A 24 -25.53 35.26 21.98
C PRO A 24 -24.83 33.93 22.28
N ARG A 25 -24.95 32.93 21.35
CA ARG A 25 -24.37 31.58 21.50
C ARG A 25 -22.84 31.61 21.48
N ARG A 26 -22.24 31.01 22.51
CA ARG A 26 -20.80 31.01 22.67
C ARG A 26 -20.18 29.63 22.57
N THR A 27 -18.93 29.59 22.14
CA THR A 27 -18.14 28.37 22.08
C THR A 27 -17.84 27.95 23.55
N PRO A 28 -17.47 26.69 23.89
CA PRO A 28 -17.17 26.38 25.31
C PRO A 28 -16.07 27.25 25.91
N GLN A 29 -15.41 28.06 25.04
CA GLN A 29 -14.34 29.01 25.36
C GLN A 29 -14.83 30.47 25.23
N SER A 30 -16.14 30.69 25.49
CA SER A 30 -16.83 31.98 25.52
C SER A 30 -16.72 32.88 24.30
N ILE A 31 -16.38 32.32 23.14
CA ILE A 31 -16.29 33.16 21.94
C ILE A 31 -17.63 33.14 21.21
N PRO A 32 -18.27 34.31 20.99
CA PRO A 32 -19.57 34.30 20.27
C PRO A 32 -19.42 33.73 18.86
N TYR A 33 -20.31 32.77 18.51
CA TYR A 33 -20.32 32.12 17.19
C TYR A 33 -20.59 33.10 16.03
N GLN A 34 -21.01 34.33 16.32
CA GLN A 34 -21.26 35.33 15.30
C GLN A 34 -19.93 35.93 14.78
N ASP A 35 -18.89 35.89 15.62
CA ASP A 35 -17.54 36.37 15.29
C ASP A 35 -16.71 35.24 14.70
N LEU A 36 -17.34 34.11 14.34
CA LEU A 36 -16.66 32.92 13.84
C LEU A 36 -17.40 32.19 12.70
N PRO A 37 -16.66 31.44 11.84
CA PRO A 37 -17.34 30.65 10.79
C PRO A 37 -17.99 29.43 11.45
N HIS A 38 -19.27 29.15 11.14
CA HIS A 38 -20.04 28.08 11.79
C HIS A 38 -21.19 27.53 10.94
N LEU A 39 -21.81 26.44 11.41
CA LEU A 39 -23.01 25.79 10.88
C LEU A 39 -23.86 25.31 12.06
N VAL A 40 -25.18 25.17 11.86
CA VAL A 40 -26.08 24.66 12.89
C VAL A 40 -26.58 23.27 12.46
N ASN A 41 -26.25 22.24 13.24
CA ASN A 41 -26.61 20.85 12.92
C ASN A 41 -28.10 20.54 13.11
N ALA A 42 -28.55 19.37 12.63
CA ALA A 42 -29.94 18.91 12.72
C ALA A 42 -30.51 18.89 14.15
N ASP A 43 -29.66 18.79 15.17
CA ASP A 43 -30.04 18.83 16.59
C ASP A 43 -30.01 20.26 17.17
N GLY A 44 -29.84 21.25 16.30
CA GLY A 44 -29.76 22.66 16.73
C GLY A 44 -28.48 23.06 17.44
N GLN A 45 -27.40 22.28 17.28
CA GLN A 45 -26.11 22.57 17.90
C GLN A 45 -25.19 23.31 16.93
N TYR A 46 -24.41 24.26 17.45
CA TYR A 46 -23.48 25.03 16.64
C TYR A 46 -22.17 24.28 16.50
N LEU A 47 -21.72 24.13 15.25
CA LEU A 47 -20.45 23.49 14.93
C LEU A 47 -19.46 24.55 14.36
N PHE A 48 -18.28 24.66 14.97
CA PHE A 48 -17.25 25.59 14.52
C PHE A 48 -16.64 25.11 13.20
N CYS A 49 -16.55 26.00 12.19
CA CYS A 49 -16.02 25.71 10.85
C CYS A 49 -14.65 26.33 10.54
N ARG A 50 -13.90 25.67 9.63
CA ARG A 50 -12.58 26.11 9.15
C ARG A 50 -12.54 25.98 7.64
N TYR A 51 -11.93 26.97 6.97
CA TYR A 51 -11.79 26.98 5.51
C TYR A 51 -10.40 27.42 5.10
N TRP A 52 -9.90 26.83 4.01
CA TRP A 52 -8.61 27.12 3.41
C TRP A 52 -8.85 27.21 1.89
N LYS A 53 -9.42 28.35 1.47
CA LYS A 53 -9.81 28.62 0.08
C LYS A 53 -8.61 29.15 -0.73
N PRO A 54 -8.34 28.60 -1.94
CA PRO A 54 -7.20 29.11 -2.72
C PRO A 54 -7.54 30.41 -3.47
N THR A 55 -6.50 31.11 -3.99
CA THR A 55 -6.65 32.35 -4.75
C THR A 55 -7.25 32.10 -6.12
N GLY A 56 -6.92 30.96 -6.73
CA GLY A 56 -7.44 30.57 -8.04
C GLY A 56 -8.84 30.00 -8.00
N THR A 57 -9.16 29.19 -9.02
CA THR A 57 -10.45 28.50 -9.13
C THR A 57 -10.20 27.06 -8.63
N PRO A 58 -10.93 26.59 -7.60
CA PRO A 58 -10.66 25.25 -7.05
C PRO A 58 -10.90 24.07 -7.99
N LYS A 59 -9.93 23.14 -8.00
CA LYS A 59 -9.96 21.92 -8.83
C LYS A 59 -10.88 20.87 -8.20
N ALA A 60 -10.91 20.82 -6.85
CA ALA A 60 -11.68 19.87 -6.07
C ALA A 60 -11.89 20.36 -4.63
N LEU A 61 -12.79 19.69 -3.90
CA LEU A 61 -13.13 19.94 -2.51
C LEU A 61 -12.61 18.79 -1.69
N ILE A 62 -12.15 19.09 -0.47
CA ILE A 62 -11.69 18.05 0.46
C ILE A 62 -12.18 18.35 1.87
N PHE A 63 -12.87 17.39 2.49
CA PHE A 63 -13.31 17.55 3.88
C PHE A 63 -12.27 16.92 4.82
N VAL A 64 -11.90 17.62 5.89
CA VAL A 64 -10.97 17.09 6.89
C VAL A 64 -11.74 16.66 8.15
N SER A 65 -11.69 15.35 8.48
CA SER A 65 -12.39 14.74 9.61
C SER A 65 -11.41 14.31 10.70
N HIS A 66 -11.34 15.06 11.80
CA HIS A 66 -10.40 14.82 12.89
C HIS A 66 -10.77 13.61 13.80
N GLY A 67 -9.79 13.16 14.61
CA GLY A 67 -9.94 12.08 15.55
C GLY A 67 -10.54 12.48 16.89
N ALA A 68 -10.75 11.49 17.79
CA ALA A 68 -11.31 11.68 19.13
C ALA A 68 -10.35 12.52 19.98
N GLY A 69 -10.90 13.48 20.71
CA GLY A 69 -10.16 14.37 21.59
C GLY A 69 -9.55 15.58 20.92
N GLU A 70 -9.23 15.48 19.61
CA GLU A 70 -8.64 16.58 18.84
C GLU A 70 -9.65 17.58 18.18
N HIS A 71 -9.19 18.40 17.21
CA HIS A 71 -9.99 19.43 16.53
C HIS A 71 -9.38 19.81 15.17
N SER A 72 -10.18 20.50 14.32
CA SER A 72 -9.79 20.93 12.96
C SER A 72 -8.49 21.74 12.87
N GLY A 73 -8.21 22.55 13.90
CA GLY A 73 -7.04 23.41 14.00
C GLY A 73 -5.71 22.71 13.87
N ARG A 74 -5.65 21.43 14.29
CA ARG A 74 -4.48 20.55 14.21
C ARG A 74 -4.09 20.21 12.76
N TYR A 75 -4.95 20.55 11.78
CA TYR A 75 -4.74 20.27 10.36
C TYR A 75 -4.28 21.47 9.54
N GLU A 76 -3.80 22.53 10.21
CA GLU A 76 -3.32 23.77 9.58
C GLU A 76 -2.26 23.57 8.49
N GLU A 77 -1.13 22.92 8.81
CA GLU A 77 -0.02 22.67 7.87
C GLU A 77 -0.43 21.79 6.69
N LEU A 78 -1.19 20.71 6.96
CA LEU A 78 -1.66 19.77 5.96
C LEU A 78 -2.67 20.41 5.00
N ALA A 79 -3.55 21.28 5.55
CA ALA A 79 -4.56 21.98 4.77
C ALA A 79 -3.92 23.07 3.93
N ARG A 80 -2.91 23.77 4.48
CA ARG A 80 -2.16 24.81 3.76
C ARG A 80 -1.40 24.21 2.57
N MET A 81 -1.00 22.91 2.67
CA MET A 81 -0.35 22.20 1.58
C MET A 81 -1.40 21.93 0.48
N LEU A 82 -2.54 21.29 0.86
CA LEU A 82 -3.64 20.96 -0.05
C LEU A 82 -4.21 22.18 -0.76
N MET A 83 -4.27 23.34 -0.06
CA MET A 83 -4.72 24.63 -0.61
C MET A 83 -3.79 25.04 -1.78
N GLY A 84 -2.48 24.80 -1.61
CA GLY A 84 -1.44 25.07 -2.59
C GLY A 84 -1.60 24.29 -3.89
N LEU A 85 -2.31 23.15 -3.83
CA LEU A 85 -2.58 22.30 -4.99
C LEU A 85 -3.89 22.72 -5.69
N ASP A 86 -4.43 23.91 -5.32
CA ASP A 86 -5.68 24.50 -5.82
C ASP A 86 -6.93 23.72 -5.36
N LEU A 87 -6.87 23.20 -4.14
CA LEU A 87 -7.99 22.49 -3.53
C LEU A 87 -8.60 23.35 -2.44
N LEU A 88 -9.92 23.32 -2.34
CA LEU A 88 -10.64 24.03 -1.29
C LEU A 88 -10.80 23.05 -0.12
N VAL A 89 -10.08 23.34 0.97
CA VAL A 89 -10.11 22.54 2.18
C VAL A 89 -11.12 23.13 3.15
N PHE A 90 -11.97 22.26 3.70
CA PHE A 90 -12.99 22.66 4.67
C PHE A 90 -13.15 21.62 5.75
N ALA A 91 -13.44 22.09 6.95
CA ALA A 91 -13.62 21.24 8.13
C ALA A 91 -14.58 21.86 9.14
N HIS A 92 -14.89 21.08 10.18
CA HIS A 92 -15.67 21.48 11.34
C HIS A 92 -15.26 20.64 12.53
N ASP A 93 -15.38 21.20 13.74
CA ASP A 93 -15.08 20.46 14.94
C ASP A 93 -16.32 19.61 15.24
N HIS A 94 -16.14 18.27 15.34
CA HIS A 94 -17.26 17.35 15.61
C HIS A 94 -17.94 17.72 16.93
N VAL A 95 -19.21 17.30 17.13
CA VAL A 95 -19.95 17.59 18.37
C VAL A 95 -19.10 17.15 19.59
N GLY A 96 -19.14 17.96 20.66
CA GLY A 96 -18.41 17.69 21.90
C GLY A 96 -16.91 17.74 21.75
N HIS A 97 -16.41 18.44 20.69
CA HIS A 97 -14.98 18.61 20.37
C HIS A 97 -14.66 20.05 20.00
N GLY A 98 -13.41 20.46 20.26
CA GLY A 98 -12.84 21.76 19.95
C GLY A 98 -13.70 22.94 20.35
N GLN A 99 -14.01 23.78 19.37
CA GLN A 99 -14.82 24.98 19.57
C GLN A 99 -16.34 24.77 19.29
N SER A 100 -16.78 23.51 19.12
CA SER A 100 -18.19 23.22 18.85
C SER A 100 -18.95 23.01 20.15
N GLU A 101 -20.29 23.02 20.09
CA GLU A 101 -21.17 22.79 21.24
C GLU A 101 -21.24 21.28 21.57
N GLY A 102 -21.92 20.98 22.67
CA GLY A 102 -22.13 19.62 23.15
C GLY A 102 -21.21 19.29 24.31
N GLU A 103 -21.64 18.37 25.18
CA GLU A 103 -20.89 17.91 26.34
C GLU A 103 -19.66 17.16 25.83
N ARG A 104 -18.48 17.50 26.34
CA ARG A 104 -17.18 16.96 25.91
C ARG A 104 -17.14 15.45 25.77
N MET A 105 -16.74 15.02 24.57
CA MET A 105 -16.59 13.62 24.14
C MET A 105 -17.79 12.70 24.44
N VAL A 106 -19.01 13.16 24.13
CA VAL A 106 -20.26 12.41 24.26
C VAL A 106 -21.07 12.60 22.98
N VAL A 107 -21.82 11.55 22.60
CA VAL A 107 -22.66 11.57 21.41
C VAL A 107 -23.87 10.63 21.63
N SER A 108 -25.09 11.08 21.19
CA SER A 108 -26.33 10.30 21.33
C SER A 108 -26.24 8.97 20.57
N ASP A 109 -25.62 9.00 19.38
CA ASP A 109 -25.34 7.86 18.51
C ASP A 109 -24.21 8.24 17.58
N PHE A 110 -23.27 7.28 17.29
CA PHE A 110 -22.13 7.55 16.41
C PHE A 110 -22.53 8.18 15.06
N HIS A 111 -23.73 7.83 14.53
CA HIS A 111 -24.22 8.36 13.26
C HIS A 111 -24.31 9.89 13.20
N VAL A 112 -24.50 10.56 14.35
CA VAL A 112 -24.58 12.03 14.42
C VAL A 112 -23.39 12.67 13.67
N PHE A 113 -22.17 12.13 13.87
CA PHE A 113 -20.96 12.59 13.21
C PHE A 113 -21.05 12.52 11.68
N VAL A 114 -21.59 11.42 11.14
CA VAL A 114 -21.76 11.16 9.71
C VAL A 114 -22.82 12.12 9.11
N ARG A 115 -23.98 12.24 9.80
CA ARG A 115 -25.05 13.17 9.46
C ARG A 115 -24.51 14.60 9.30
N ASP A 116 -23.69 15.09 10.27
CA ASP A 116 -23.11 16.43 10.26
C ASP A 116 -22.06 16.68 9.16
N VAL A 117 -21.26 15.66 8.81
CA VAL A 117 -20.27 15.73 7.73
C VAL A 117 -21.05 15.89 6.40
N LEU A 118 -22.08 15.04 6.15
CA LEU A 118 -22.90 15.09 4.94
C LEU A 118 -23.58 16.44 4.74
N GLN A 119 -24.13 17.04 5.83
CA GLN A 119 -24.74 18.37 5.84
C GLN A 119 -23.72 19.43 5.37
N HIS A 120 -22.48 19.39 5.94
CA HIS A 120 -21.42 20.33 5.56
C HIS A 120 -20.99 20.15 4.09
N VAL A 121 -20.76 18.90 3.66
CA VAL A 121 -20.39 18.52 2.29
C VAL A 121 -21.46 19.03 1.30
N ASP A 122 -22.75 18.78 1.57
CA ASP A 122 -23.87 19.22 0.73
C ASP A 122 -23.97 20.74 0.61
N SER A 123 -23.67 21.48 1.68
CA SER A 123 -23.65 22.94 1.66
C SER A 123 -22.57 23.45 0.71
N MET A 124 -21.34 22.92 0.84
CA MET A 124 -20.20 23.29 0.02
C MET A 124 -20.37 22.91 -1.45
N GLN A 125 -21.01 21.75 -1.72
CA GLN A 125 -21.26 21.25 -3.07
C GLN A 125 -22.21 22.17 -3.84
N LYS A 126 -23.18 22.77 -3.13
CA LYS A 126 -24.16 23.68 -3.69
C LYS A 126 -23.46 24.94 -4.24
N ASP A 127 -22.51 25.50 -3.46
CA ASP A 127 -21.73 26.70 -3.84
C ASP A 127 -20.68 26.42 -4.93
N TYR A 128 -20.21 25.17 -5.03
CA TYR A 128 -19.19 24.75 -5.99
C TYR A 128 -19.69 23.50 -6.76
N PRO A 129 -20.74 23.61 -7.60
CA PRO A 129 -21.26 22.41 -8.27
C PRO A 129 -20.31 21.77 -9.26
N GLY A 130 -20.44 20.45 -9.42
CA GLY A 130 -19.64 19.66 -10.36
C GLY A 130 -18.22 19.32 -9.94
N LEU A 131 -17.73 19.96 -8.87
CA LEU A 131 -16.37 19.69 -8.38
C LEU A 131 -16.30 18.36 -7.64
N PRO A 132 -15.21 17.57 -7.83
CA PRO A 132 -15.09 16.29 -7.07
C PRO A 132 -14.81 16.54 -5.59
N VAL A 133 -15.37 15.69 -4.70
CA VAL A 133 -15.21 15.78 -3.24
C VAL A 133 -14.41 14.62 -2.70
N PHE A 134 -13.40 14.93 -1.90
CA PHE A 134 -12.54 13.96 -1.22
C PHE A 134 -12.80 14.05 0.30
N LEU A 135 -12.50 12.96 1.01
CA LEU A 135 -12.63 12.89 2.46
C LEU A 135 -11.28 12.52 3.06
N LEU A 136 -10.84 13.24 4.08
CA LEU A 136 -9.57 12.95 4.76
C LEU A 136 -9.88 12.77 6.23
N GLY A 137 -9.60 11.59 6.75
CA GLY A 137 -9.93 11.27 8.13
C GLY A 137 -8.85 10.55 8.89
N HIS A 138 -8.72 10.90 10.19
CA HIS A 138 -7.74 10.30 11.09
C HIS A 138 -8.32 9.73 12.38
N SER A 139 -8.08 8.44 12.63
CA SER A 139 -8.56 7.72 13.80
C SER A 139 -10.11 7.78 13.66
N MET A 140 -10.84 8.32 14.66
CA MET A 140 -12.31 8.35 14.72
C MET A 140 -12.85 8.96 13.41
N GLY A 141 -12.18 10.03 12.95
CA GLY A 141 -12.47 10.73 11.71
C GLY A 141 -12.33 9.86 10.49
N GLY A 142 -11.55 8.78 10.64
CA GLY A 142 -11.33 7.77 9.61
C GLY A 142 -12.55 6.90 9.49
N ALA A 143 -13.07 6.45 10.66
CA ALA A 143 -14.31 5.66 10.75
C ALA A 143 -15.50 6.46 10.18
N ILE A 144 -15.60 7.77 10.55
CA ILE A 144 -16.64 8.72 10.10
C ILE A 144 -16.59 8.83 8.57
N ALA A 145 -15.38 8.97 8.00
CA ALA A 145 -15.13 9.06 6.55
C ALA A 145 -15.63 7.81 5.84
N ILE A 146 -15.27 6.60 6.36
CA ILE A 146 -15.67 5.29 5.82
C ILE A 146 -17.18 5.19 5.80
N LEU A 147 -17.83 5.46 6.94
CA LEU A 147 -19.28 5.42 7.07
C LEU A 147 -20.02 6.46 6.23
N THR A 148 -19.34 7.56 5.86
CA THR A 148 -19.91 8.62 5.03
C THR A 148 -19.98 8.13 3.60
N ALA A 149 -18.86 7.59 3.08
CA ALA A 149 -18.74 7.01 1.73
C ALA A 149 -19.70 5.83 1.49
N ALA A 150 -19.95 5.02 2.54
CA ALA A 150 -20.84 3.86 2.47
C ALA A 150 -22.31 4.27 2.39
N GLU A 151 -22.65 5.41 3.01
CA GLU A 151 -23.98 5.99 2.97
C GLU A 151 -24.26 6.54 1.57
N ARG A 152 -23.21 7.05 0.86
CA ARG A 152 -23.33 7.64 -0.47
C ARG A 152 -22.42 6.92 -1.50
N PRO A 153 -22.78 5.68 -1.92
CA PRO A 153 -21.92 4.97 -2.90
C PRO A 153 -21.73 5.75 -4.19
N GLY A 154 -20.48 5.82 -4.65
CA GLY A 154 -20.08 6.53 -5.86
C GLY A 154 -20.12 8.05 -5.82
N HIS A 155 -20.36 8.64 -4.65
CA HIS A 155 -20.45 10.11 -4.50
C HIS A 155 -19.09 10.79 -4.32
N PHE A 156 -18.15 10.15 -3.60
CA PHE A 156 -16.82 10.73 -3.38
C PHE A 156 -15.73 10.21 -4.32
N ALA A 157 -14.83 11.12 -4.76
CA ALA A 157 -13.70 10.87 -5.66
C ALA A 157 -12.59 10.00 -5.01
N GLY A 158 -12.46 10.09 -3.70
CA GLY A 158 -11.45 9.36 -2.97
C GLY A 158 -11.51 9.64 -1.50
N MET A 159 -10.82 8.80 -0.74
CA MET A 159 -10.76 8.86 0.71
C MET A 159 -9.31 8.64 1.14
N VAL A 160 -8.80 9.53 2.00
CA VAL A 160 -7.44 9.43 2.55
C VAL A 160 -7.63 9.10 4.02
N LEU A 161 -6.96 8.03 4.50
CA LEU A 161 -7.09 7.57 5.88
C LEU A 161 -5.78 7.49 6.62
N ILE A 162 -5.61 8.30 7.67
CA ILE A 162 -4.40 8.29 8.51
C ILE A 162 -4.78 7.52 9.78
N SER A 163 -4.24 6.28 9.94
CA SER A 163 -4.50 5.36 11.07
C SER A 163 -5.98 5.40 11.52
N PRO A 164 -6.92 4.83 10.74
CA PRO A 164 -8.33 4.95 11.12
C PRO A 164 -8.76 3.96 12.18
N LEU A 165 -9.85 4.31 12.89
CA LEU A 165 -10.48 3.47 13.90
C LEU A 165 -11.28 2.41 13.14
N VAL A 166 -10.75 1.17 13.08
CA VAL A 166 -11.40 0.08 12.34
C VAL A 166 -11.51 -1.21 13.14
N LEU A 167 -10.60 -1.42 14.11
CA LEU A 167 -10.53 -2.65 14.89
C LEU A 167 -10.45 -2.43 16.39
N ALA A 168 -11.09 -3.35 17.15
CA ALA A 168 -11.10 -3.35 18.61
C ALA A 168 -10.44 -4.63 19.13
N LEU A 188 -24.57 3.87 35.75
CA LEU A 188 -23.52 4.87 35.93
C LEU A 188 -22.73 5.11 34.60
N PRO A 189 -23.06 6.20 33.84
CA PRO A 189 -22.39 6.43 32.54
C PRO A 189 -21.24 7.46 32.49
N ASN A 190 -21.12 8.36 33.51
CA ASN A 190 -20.08 9.42 33.57
C ASN A 190 -18.65 8.94 33.88
N LEU A 191 -18.46 7.62 34.00
CA LEU A 191 -17.19 6.97 34.27
C LEU A 191 -16.24 7.06 33.08
N SER A 192 -14.95 7.34 33.36
CA SER A 192 -13.89 7.49 32.37
C SER A 192 -13.00 6.24 32.32
N LEU A 193 -12.25 6.07 31.22
CA LEU A 193 -11.34 4.94 31.02
C LEU A 193 -9.94 5.19 31.56
N GLY A 194 -9.57 6.47 31.70
CA GLY A 194 -8.27 6.86 32.25
C GLY A 194 -7.37 7.47 31.20
N PRO A 195 -6.74 8.65 31.48
CA PRO A 195 -5.89 9.29 30.45
C PRO A 195 -4.80 8.38 29.90
N ILE A 196 -4.66 8.42 28.57
CA ILE A 196 -3.66 7.65 27.86
C ILE A 196 -2.29 8.33 28.03
N ASP A 197 -1.19 7.57 27.87
CA ASP A 197 0.13 8.17 27.97
C ASP A 197 0.42 8.85 26.64
N SER A 198 0.52 10.19 26.65
CA SER A 198 0.76 11.01 25.46
C SER A 198 2.01 10.65 24.65
N SER A 199 2.95 9.90 25.23
CA SER A 199 4.15 9.48 24.53
C SER A 199 3.87 8.43 23.41
N VAL A 200 2.75 7.70 23.51
CA VAL A 200 2.34 6.67 22.53
C VAL A 200 1.80 7.28 21.23
N LEU A 201 1.47 8.57 21.24
CA LEU A 201 0.91 9.32 20.12
C LEU A 201 1.91 9.55 18.99
N SER A 202 3.11 10.05 19.33
CA SER A 202 4.17 10.36 18.38
C SER A 202 5.55 10.16 19.01
N ARG A 203 6.55 9.83 18.18
CA ARG A 203 7.95 9.65 18.61
C ARG A 203 8.63 11.02 18.73
N ASN A 204 8.03 12.04 18.09
CA ASN A 204 8.47 13.41 18.07
C ASN A 204 8.11 14.09 19.42
N LYS A 205 9.12 14.30 20.28
CA LYS A 205 8.98 14.91 21.61
C LYS A 205 8.38 16.32 21.63
N THR A 206 8.68 17.13 20.59
CA THR A 206 8.14 18.49 20.41
C THR A 206 6.62 18.43 20.17
N GLU A 207 6.18 17.57 19.24
CA GLU A 207 4.78 17.37 18.88
C GLU A 207 3.92 16.86 20.03
N VAL A 208 4.49 16.03 20.93
CA VAL A 208 3.80 15.54 22.13
C VAL A 208 3.58 16.75 23.06
N ASP A 209 4.61 17.63 23.15
CA ASP A 209 4.55 18.84 23.98
C ASP A 209 3.50 19.84 23.49
N ILE A 210 3.36 20.00 22.15
CA ILE A 210 2.36 20.86 21.51
C ILE A 210 0.97 20.31 21.87
N TYR A 211 0.79 18.97 21.71
CA TYR A 211 -0.44 18.26 22.03
C TYR A 211 -0.83 18.50 23.50
N ASN A 212 0.09 18.22 24.43
CA ASN A 212 -0.13 18.39 25.87
C ASN A 212 -0.45 19.82 26.36
N SER A 213 -0.22 20.85 25.50
CA SER A 213 -0.47 22.24 25.86
C SER A 213 -1.57 22.99 25.04
N ASP A 214 -2.22 22.31 24.07
CA ASP A 214 -3.30 22.92 23.28
C ASP A 214 -4.60 22.92 24.11
N PRO A 215 -5.18 24.11 24.40
CA PRO A 215 -6.40 24.16 25.24
C PRO A 215 -7.66 23.57 24.62
N LEU A 216 -7.69 23.45 23.28
CA LEU A 216 -8.82 22.90 22.52
C LEU A 216 -8.82 21.37 22.48
N ILE A 217 -7.72 20.74 22.94
CA ILE A 217 -7.57 19.28 23.02
C ILE A 217 -8.10 18.78 24.36
N CYS A 218 -8.98 17.75 24.33
CA CYS A 218 -9.51 17.11 25.53
C CYS A 218 -8.58 15.94 25.86
N ARG A 219 -7.70 16.10 26.90
CA ARG A 219 -6.71 15.09 27.31
C ARG A 219 -7.21 14.11 28.38
N ALA A 220 -8.44 14.34 28.88
CA ALA A 220 -9.12 13.48 29.86
C ALA A 220 -9.38 12.10 29.22
N GLY A 221 -9.49 11.07 30.06
CA GLY A 221 -9.74 9.72 29.57
C GLY A 221 -11.01 9.56 28.74
N LEU A 222 -11.08 8.44 28.00
CA LEU A 222 -12.23 8.08 27.17
C LEU A 222 -13.45 7.80 28.05
N LYS A 223 -14.60 8.40 27.72
CA LYS A 223 -15.83 8.18 28.50
C LYS A 223 -16.45 6.84 28.12
N VAL A 224 -16.94 6.08 29.12
CA VAL A 224 -17.54 4.74 28.97
C VAL A 224 -18.67 4.77 27.94
N CYS A 225 -19.59 5.75 28.07
CA CYS A 225 -20.72 6.02 27.17
C CYS A 225 -20.20 6.13 25.72
N PHE A 226 -19.19 7.00 25.51
CA PHE A 226 -18.52 7.25 24.25
C PHE A 226 -17.80 6.02 23.74
N GLY A 227 -17.17 5.27 24.64
CA GLY A 227 -16.49 4.02 24.34
C GLY A 227 -17.42 3.02 23.70
N ILE A 228 -18.66 2.92 24.22
CA ILE A 228 -19.71 2.08 23.64
C ILE A 228 -19.96 2.55 22.19
N GLN A 229 -20.07 3.88 21.94
CA GLN A 229 -20.28 4.45 20.59
C GLN A 229 -19.16 4.13 19.60
N LEU A 230 -17.89 4.20 20.06
CA LEU A 230 -16.71 3.87 19.25
C LEU A 230 -16.67 2.38 18.88
N LEU A 231 -17.31 1.52 19.70
CA LEU A 231 -17.45 0.10 19.39
C LEU A 231 -18.53 -0.11 18.33
N ASN A 232 -19.59 0.73 18.36
CA ASN A 232 -20.66 0.73 17.35
C ASN A 232 -20.02 1.10 16.01
N ALA A 233 -19.21 2.18 15.99
CA ALA A 233 -18.46 2.66 14.82
C ALA A 233 -17.65 1.51 14.18
N VAL A 234 -16.89 0.72 15.00
CA VAL A 234 -16.07 -0.43 14.58
C VAL A 234 -16.95 -1.54 13.93
N SER A 235 -18.12 -1.80 14.54
CA SER A 235 -19.09 -2.80 14.12
C SER A 235 -19.75 -2.39 12.80
N ARG A 236 -19.97 -1.08 12.63
CA ARG A 236 -20.60 -0.48 11.46
C ARG A 236 -19.62 -0.39 10.30
N VAL A 237 -18.33 -0.15 10.60
CA VAL A 237 -17.27 -0.10 9.61
C VAL A 237 -17.14 -1.53 9.04
N GLU A 238 -17.15 -2.57 9.93
CA GLU A 238 -17.09 -3.99 9.56
C GLU A 238 -18.23 -4.39 8.61
N ARG A 239 -19.47 -3.97 8.90
CA ARG A 239 -20.64 -4.26 8.08
C ARG A 239 -20.68 -3.50 6.74
N ALA A 240 -20.02 -2.32 6.67
CA ALA A 240 -19.98 -1.48 5.46
C ALA A 240 -18.92 -1.92 4.45
N LEU A 241 -17.83 -2.53 4.91
CA LEU A 241 -16.72 -3.00 4.06
C LEU A 241 -17.12 -3.78 2.79
N PRO A 242 -18.06 -4.76 2.83
CA PRO A 242 -18.47 -5.44 1.58
C PRO A 242 -19.11 -4.53 0.50
N LYS A 243 -19.48 -3.29 0.85
CA LYS A 243 -20.07 -2.36 -0.10
C LYS A 243 -19.21 -1.08 -0.33
N LEU A 244 -18.04 -0.99 0.34
CA LEU A 244 -17.15 0.16 0.25
C LEU A 244 -16.40 0.10 -1.08
N THR A 245 -16.72 1.03 -1.99
CA THR A 245 -16.14 1.09 -3.33
C THR A 245 -15.28 2.32 -3.64
N VAL A 246 -15.25 3.29 -2.75
CA VAL A 246 -14.49 4.54 -2.89
C VAL A 246 -12.96 4.34 -2.99
N PRO A 247 -12.26 5.03 -3.94
CA PRO A 247 -10.79 4.88 -4.01
C PRO A 247 -10.15 5.39 -2.74
N PHE A 248 -9.23 4.62 -2.15
CA PHE A 248 -8.58 5.08 -0.92
C PHE A 248 -7.08 4.88 -0.81
N LEU A 249 -6.45 5.80 -0.07
CA LEU A 249 -5.03 5.78 0.31
C LEU A 249 -5.05 5.60 1.84
N LEU A 250 -4.36 4.59 2.34
CA LEU A 250 -4.31 4.22 3.76
C LEU A 250 -2.87 4.34 4.29
N LEU A 251 -2.67 5.22 5.27
CA LEU A 251 -1.35 5.47 5.89
C LEU A 251 -1.41 4.95 7.32
N GLN A 252 -0.52 4.00 7.67
CA GLN A 252 -0.52 3.36 8.99
C GLN A 252 0.90 3.17 9.55
N GLY A 253 1.05 3.36 10.86
CA GLY A 253 2.31 3.17 11.58
C GLY A 253 2.37 1.79 12.20
N SER A 254 3.53 1.09 12.02
CA SER A 254 3.76 -0.26 12.54
C SER A 254 3.70 -0.38 14.07
N ALA A 255 4.13 0.69 14.78
CA ALA A 255 4.15 0.72 16.25
C ALA A 255 3.01 1.56 16.88
N ASP A 256 1.83 1.59 16.22
CA ASP A 256 0.65 2.29 16.70
C ASP A 256 0.05 1.45 17.84
N ARG A 257 -0.01 2.04 19.04
CA ARG A 257 -0.55 1.34 20.21
C ARG A 257 -2.04 1.66 20.45
N LEU A 258 -2.64 2.52 19.62
CA LEU A 258 -4.05 2.93 19.71
C LEU A 258 -4.92 2.23 18.66
N CYS A 259 -4.47 2.28 17.39
CA CYS A 259 -5.12 1.63 16.27
C CYS A 259 -4.10 0.62 15.74
N ASP A 260 -4.21 -0.67 16.16
CA ASP A 260 -3.29 -1.74 15.74
C ASP A 260 -3.25 -1.85 14.22
N SER A 261 -2.03 -2.00 13.66
CA SER A 261 -1.81 -2.14 12.23
C SER A 261 -2.59 -3.30 11.61
N LYS A 262 -2.92 -4.34 12.43
CA LYS A 262 -3.73 -5.49 12.03
C LYS A 262 -4.98 -5.03 11.29
N GLY A 263 -5.67 -4.04 11.85
CA GLY A 263 -6.87 -3.41 11.29
C GLY A 263 -6.68 -2.83 9.90
N ALA A 264 -5.50 -2.24 9.61
CA ALA A 264 -5.19 -1.68 8.29
C ALA A 264 -5.06 -2.80 7.24
N TYR A 265 -4.51 -3.95 7.64
CA TYR A 265 -4.36 -5.12 6.77
C TYR A 265 -5.71 -5.76 6.49
N LEU A 266 -6.63 -5.74 7.49
CA LEU A 266 -8.00 -6.27 7.30
C LEU A 266 -8.80 -5.35 6.37
N LEU A 267 -8.66 -4.01 6.56
CA LEU A 267 -9.30 -2.98 5.76
C LEU A 267 -8.90 -3.12 4.28
N MET A 268 -7.61 -3.39 4.02
CA MET A 268 -7.12 -3.57 2.65
C MET A 268 -7.70 -4.82 2.01
N GLU A 269 -7.91 -5.86 2.83
CA GLU A 269 -8.42 -7.15 2.37
C GLU A 269 -9.95 -7.18 2.17
N LEU A 270 -10.71 -6.66 3.15
CA LEU A 270 -12.17 -6.70 3.15
C LEU A 270 -12.94 -5.63 2.35
N ALA A 271 -12.32 -4.47 2.05
CA ALA A 271 -12.97 -3.39 1.28
C ALA A 271 -13.09 -3.81 -0.17
N LYS A 272 -14.18 -3.41 -0.85
CA LYS A 272 -14.35 -3.80 -2.26
C LYS A 272 -13.71 -2.87 -3.29
N SER A 273 -13.18 -1.71 -2.85
CA SER A 273 -12.54 -0.69 -3.70
C SER A 273 -11.58 -1.30 -4.71
N GLN A 274 -11.66 -0.83 -5.96
CA GLN A 274 -10.79 -1.27 -7.05
C GLN A 274 -9.46 -0.52 -7.02
N ASP A 275 -9.43 0.64 -6.33
CA ASP A 275 -8.30 1.56 -6.20
C ASP A 275 -7.94 1.72 -4.71
N LYS A 276 -7.11 0.81 -4.20
CA LYS A 276 -6.70 0.83 -2.80
C LYS A 276 -5.20 0.69 -2.61
N THR A 277 -4.61 1.65 -1.87
CA THR A 277 -3.17 1.70 -1.61
C THR A 277 -2.90 1.75 -0.11
N LEU A 278 -1.93 0.97 0.34
CA LEU A 278 -1.48 0.93 1.73
C LEU A 278 0.00 1.32 1.85
N LYS A 279 0.31 2.20 2.83
CA LYS A 279 1.68 2.60 3.14
C LYS A 279 1.95 2.43 4.62
N ILE A 280 2.95 1.60 4.96
CA ILE A 280 3.36 1.32 6.34
C ILE A 280 4.64 2.10 6.68
N TYR A 281 4.59 2.82 7.80
CA TYR A 281 5.71 3.58 8.33
C TYR A 281 6.28 2.79 9.51
N GLU A 282 7.40 2.08 9.26
CA GLU A 282 8.06 1.20 10.24
C GLU A 282 8.57 1.92 11.48
N GLY A 283 8.07 1.50 12.64
CA GLY A 283 8.43 2.07 13.93
C GLY A 283 7.62 3.27 14.37
N ALA A 284 6.88 3.90 13.42
CA ALA A 284 6.06 5.09 13.65
C ALA A 284 4.81 4.79 14.48
N TYR A 285 4.38 5.81 15.25
CA TYR A 285 3.24 5.75 16.17
C TYR A 285 1.89 6.15 15.53
N HIS A 286 0.95 6.68 16.32
CA HIS A 286 -0.41 7.03 15.89
C HIS A 286 -0.56 8.28 14.99
N VAL A 287 -0.16 9.45 15.48
CA VAL A 287 -0.33 10.70 14.74
C VAL A 287 0.77 10.87 13.67
N LEU A 288 0.59 10.20 12.51
CA LEU A 288 1.54 10.16 11.39
C LEU A 288 1.85 11.49 10.73
N HIS A 289 0.93 12.45 10.82
CA HIS A 289 1.08 13.79 10.27
C HIS A 289 1.73 14.72 11.32
N LYS A 290 2.02 14.18 12.51
CA LYS A 290 2.65 14.87 13.63
C LYS A 290 3.78 14.00 14.21
N GLU A 291 4.39 13.15 13.37
CA GLU A 291 5.48 12.23 13.73
C GLU A 291 6.86 12.86 13.48
N LEU A 292 7.92 12.03 13.38
CA LEU A 292 9.29 12.49 13.10
C LEU A 292 9.34 13.12 11.69
N PRO A 293 10.14 14.20 11.46
CA PRO A 293 10.19 14.83 10.13
C PRO A 293 10.26 13.90 8.92
N GLU A 294 10.98 12.78 9.05
CA GLU A 294 11.16 11.75 8.01
C GLU A 294 9.79 11.20 7.58
N VAL A 295 8.95 10.79 8.58
CA VAL A 295 7.60 10.24 8.42
C VAL A 295 6.62 11.32 7.88
N THR A 296 6.60 12.49 8.54
CA THR A 296 5.73 13.63 8.23
C THR A 296 5.91 14.18 6.79
N ASN A 297 7.17 14.39 6.35
CA ASN A 297 7.46 14.91 5.01
C ASN A 297 7.00 13.93 3.93
N SER A 298 7.19 12.61 4.18
CA SER A 298 6.76 11.53 3.30
C SER A 298 5.22 11.51 3.23
N VAL A 299 4.54 11.56 4.39
CA VAL A 299 3.08 11.61 4.53
C VAL A 299 2.50 12.74 3.66
N PHE A 300 3.05 13.97 3.79
CA PHE A 300 2.61 15.15 3.05
C PHE A 300 2.76 14.96 1.54
N HIS A 301 3.93 14.44 1.10
CA HIS A 301 4.21 14.18 -0.30
C HIS A 301 3.30 13.09 -0.86
N GLU A 302 3.07 12.01 -0.06
CA GLU A 302 2.20 10.91 -0.45
C GLU A 302 0.76 11.36 -0.68
N ILE A 303 0.22 12.19 0.25
CA ILE A 303 -1.14 12.75 0.13
C ILE A 303 -1.17 13.73 -1.08
N ASN A 304 -0.10 14.51 -1.26
CA ASN A 304 0.06 15.43 -2.38
C ASN A 304 -0.05 14.65 -3.71
N MET A 305 0.78 13.58 -3.91
CA MET A 305 0.77 12.77 -5.13
C MET A 305 -0.58 12.07 -5.43
N TRP A 306 -1.18 11.41 -4.41
CA TRP A 306 -2.42 10.65 -4.53
C TRP A 306 -3.61 11.51 -4.92
N VAL A 307 -3.77 12.67 -4.26
CA VAL A 307 -4.86 13.62 -4.53
C VAL A 307 -4.66 14.28 -5.90
N SER A 308 -3.42 14.73 -6.19
CA SER A 308 -3.02 15.37 -7.46
C SER A 308 -3.28 14.49 -8.68
N GLN A 309 -3.02 13.17 -8.56
CA GLN A 309 -3.24 12.20 -9.65
C GLN A 309 -4.73 12.03 -9.93
N ARG A 310 -5.56 12.11 -8.87
CA ARG A 310 -7.01 11.94 -8.98
C ARG A 310 -7.81 13.22 -9.25
N THR A 311 -7.10 14.32 -9.54
CA THR A 311 -7.66 15.64 -9.92
C THR A 311 -7.16 16.01 -11.32
N ALA A 312 -7.67 17.13 -11.87
CA ALA A 312 -7.28 17.61 -13.21
C ALA A 312 -7.20 19.13 -13.28
N ASP B 35 26.34 -15.65 -30.67
CA ASP B 35 25.36 -15.23 -31.68
C ASP B 35 24.34 -14.25 -31.13
N LEU B 36 23.72 -14.56 -29.98
CA LEU B 36 22.70 -13.73 -29.31
C LEU B 36 23.32 -12.94 -28.13
N PRO B 37 22.70 -11.86 -27.57
CA PRO B 37 23.31 -11.22 -26.39
C PRO B 37 23.29 -12.26 -25.25
N HIS B 38 24.42 -12.44 -24.55
CA HIS B 38 24.55 -13.48 -23.52
C HIS B 38 25.62 -13.18 -22.46
N LEU B 39 25.65 -14.03 -21.43
CA LEU B 39 26.63 -14.07 -20.34
C LEU B 39 26.89 -15.55 -20.00
N VAL B 40 28.09 -15.85 -19.46
CA VAL B 40 28.43 -17.22 -19.05
C VAL B 40 28.52 -17.24 -17.52
N ASN B 41 27.64 -18.02 -16.88
CA ASN B 41 27.56 -18.09 -15.41
C ASN B 41 28.73 -18.87 -14.78
N ALA B 42 28.85 -18.79 -13.44
CA ALA B 42 29.89 -19.46 -12.67
C ALA B 42 30.03 -20.98 -12.92
N ASP B 43 28.92 -21.63 -13.35
CA ASP B 43 28.88 -23.07 -13.68
C ASP B 43 29.18 -23.32 -15.17
N GLY B 44 29.63 -22.29 -15.87
CA GLY B 44 29.96 -22.38 -17.30
C GLY B 44 28.76 -22.51 -18.22
N GLN B 45 27.56 -22.13 -17.75
CA GLN B 45 26.32 -22.19 -18.55
C GLN B 45 26.04 -20.86 -19.20
N TYR B 46 25.52 -20.89 -20.43
CA TYR B 46 25.18 -19.69 -21.18
C TYR B 46 23.79 -19.24 -20.81
N LEU B 47 23.68 -17.95 -20.44
CA LEU B 47 22.42 -17.32 -20.11
C LEU B 47 22.07 -16.28 -21.17
N PHE B 48 20.87 -16.39 -21.77
CA PHE B 48 20.40 -15.46 -22.79
C PHE B 48 20.06 -14.11 -22.15
N CYS B 49 20.59 -13.00 -22.71
CA CYS B 49 20.37 -11.64 -22.22
C CYS B 49 19.46 -10.76 -23.10
N ARG B 50 18.80 -9.79 -22.44
CA ARG B 50 17.91 -8.82 -23.07
C ARG B 50 18.24 -7.43 -22.55
N TYR B 51 18.23 -6.43 -23.45
CA TYR B 51 18.51 -5.04 -23.10
C TYR B 51 17.54 -4.11 -23.78
N TRP B 52 17.20 -3.02 -23.07
CA TRP B 52 16.30 -1.98 -23.53
C TRP B 52 16.97 -0.65 -23.15
N LYS B 53 18.01 -0.28 -23.92
CA LYS B 53 18.82 0.92 -23.69
C LYS B 53 18.16 2.16 -24.30
N PRO B 54 18.06 3.29 -23.54
CA PRO B 54 17.42 4.49 -24.11
C PRO B 54 18.36 5.28 -25.04
N THR B 55 17.79 6.23 -25.81
CA THR B 55 18.56 7.10 -26.73
C THR B 55 19.42 8.11 -25.97
N GLY B 56 18.89 8.61 -24.84
CA GLY B 56 19.58 9.57 -24.00
C GLY B 56 20.62 8.96 -23.09
N THR B 57 20.91 9.64 -21.97
CA THR B 57 21.86 9.16 -20.97
C THR B 57 21.01 8.56 -19.84
N PRO B 58 21.23 7.28 -19.48
CA PRO B 58 20.37 6.64 -18.46
C PRO B 58 20.43 7.25 -17.06
N LYS B 59 19.25 7.45 -16.47
CA LYS B 59 19.07 8.00 -15.12
C LYS B 59 19.35 6.94 -14.06
N ALA B 60 18.97 5.68 -14.36
CA ALA B 60 19.11 4.52 -13.47
C ALA B 60 19.08 3.21 -14.25
N LEU B 61 19.46 2.11 -13.55
CA LEU B 61 19.47 0.73 -14.05
C LEU B 61 18.37 -0.05 -13.36
N ILE B 62 17.72 -0.94 -14.11
CA ILE B 62 16.68 -1.81 -13.57
C ILE B 62 16.79 -3.24 -14.09
N PHE B 63 16.93 -4.23 -13.17
CA PHE B 63 16.99 -5.65 -13.53
C PHE B 63 15.59 -6.28 -13.49
N VAL B 64 15.20 -7.01 -14.55
CA VAL B 64 13.90 -7.71 -14.60
C VAL B 64 14.12 -9.21 -14.33
N SER B 65 13.50 -9.72 -13.22
CA SER B 65 13.60 -11.11 -12.78
C SER B 65 12.25 -11.83 -12.97
N HIS B 66 12.15 -12.69 -13.98
CA HIS B 66 10.92 -13.42 -14.31
C HIS B 66 10.57 -14.60 -13.34
N GLY B 67 9.33 -15.08 -13.42
CA GLY B 67 8.82 -16.19 -12.62
C GLY B 67 9.12 -17.57 -13.20
N ALA B 68 8.70 -18.63 -12.48
CA ALA B 68 8.90 -20.03 -12.87
C ALA B 68 8.12 -20.34 -14.11
N GLY B 69 8.77 -21.04 -15.04
CA GLY B 69 8.17 -21.45 -16.30
C GLY B 69 8.23 -20.42 -17.40
N GLU B 70 8.28 -19.10 -17.05
CA GLU B 70 8.35 -18.01 -18.03
C GLU B 70 9.77 -17.58 -18.49
N HIS B 71 9.90 -16.38 -19.13
CA HIS B 71 11.17 -15.86 -19.67
C HIS B 71 11.13 -14.34 -19.82
N SER B 72 12.32 -13.70 -19.98
CA SER B 72 12.49 -12.25 -20.12
C SER B 72 11.64 -11.58 -21.21
N GLY B 73 11.39 -12.30 -22.31
CA GLY B 73 10.62 -11.84 -23.45
C GLY B 73 9.22 -11.37 -23.14
N ARG B 74 8.61 -11.96 -22.09
CA ARG B 74 7.27 -11.63 -21.59
C ARG B 74 7.18 -10.21 -20.98
N TYR B 75 8.35 -9.56 -20.78
CA TYR B 75 8.47 -8.22 -20.20
C TYR B 75 8.72 -7.09 -21.21
N GLU B 76 8.48 -7.36 -22.51
CA GLU B 76 8.68 -6.40 -23.60
C GLU B 76 7.96 -5.06 -23.41
N GLU B 77 6.63 -5.07 -23.23
CA GLU B 77 5.81 -3.87 -23.05
C GLU B 77 6.20 -3.07 -21.81
N LEU B 78 6.42 -3.76 -20.67
CA LEU B 78 6.79 -3.17 -19.40
C LEU B 78 8.19 -2.54 -19.45
N ALA B 79 9.12 -3.20 -20.15
CA ALA B 79 10.48 -2.70 -20.31
C ALA B 79 10.54 -1.52 -21.27
N ARG B 80 9.73 -1.57 -22.35
CA ARG B 80 9.63 -0.47 -23.32
C ARG B 80 9.04 0.81 -22.65
N MET B 81 8.21 0.63 -21.60
CA MET B 81 7.68 1.74 -20.82
C MET B 81 8.81 2.34 -19.99
N LEU B 82 9.51 1.50 -19.19
CA LEU B 82 10.63 1.89 -18.33
C LEU B 82 11.78 2.56 -19.11
N MET B 83 12.05 2.08 -20.34
CA MET B 83 13.05 2.65 -21.26
C MET B 83 12.68 4.12 -21.58
N GLY B 84 11.38 4.37 -21.79
CA GLY B 84 10.82 5.69 -22.05
C GLY B 84 11.04 6.69 -20.94
N LEU B 85 11.24 6.20 -19.70
CA LEU B 85 11.51 7.04 -18.53
C LEU B 85 13.02 7.31 -18.36
N ASP B 86 13.82 6.98 -19.41
CA ASP B 86 15.29 7.10 -19.47
C ASP B 86 16.01 6.13 -18.53
N LEU B 87 15.44 4.93 -18.40
CA LEU B 87 16.04 3.87 -17.59
C LEU B 87 16.57 2.78 -18.51
N LEU B 88 17.72 2.23 -18.12
CA LEU B 88 18.33 1.13 -18.86
C LEU B 88 17.82 -0.17 -18.22
N VAL B 89 16.96 -0.87 -18.98
CA VAL B 89 16.36 -2.13 -18.57
C VAL B 89 17.21 -3.29 -19.09
N PHE B 90 17.51 -4.24 -18.19
CA PHE B 90 18.30 -5.41 -18.54
C PHE B 90 17.78 -6.63 -17.83
N ALA B 91 17.87 -7.77 -18.53
CA ALA B 91 17.40 -9.06 -18.01
C ALA B 91 18.22 -10.21 -18.59
N HIS B 92 17.92 -11.41 -18.07
CA HIS B 92 18.43 -12.68 -18.56
C HIS B 92 17.44 -13.76 -18.23
N ASP B 93 17.40 -14.83 -19.04
CA ASP B 93 16.54 -15.96 -18.77
C ASP B 93 17.26 -16.80 -17.73
N HIS B 94 16.62 -17.07 -16.59
CA HIS B 94 17.22 -17.87 -15.51
C HIS B 94 17.61 -19.27 -16.04
N VAL B 95 18.53 -19.98 -15.35
CA VAL B 95 18.94 -21.33 -15.76
C VAL B 95 17.70 -22.21 -15.93
N GLY B 96 17.73 -23.05 -16.96
CA GLY B 96 16.66 -23.99 -17.27
C GLY B 96 15.36 -23.34 -17.70
N HIS B 97 15.43 -22.07 -18.14
CA HIS B 97 14.30 -21.25 -18.60
C HIS B 97 14.62 -20.54 -19.91
N GLY B 98 13.58 -20.29 -20.70
CA GLY B 98 13.61 -19.58 -21.96
C GLY B 98 14.68 -20.05 -22.92
N GLN B 99 15.53 -19.11 -23.35
CA GLN B 99 16.61 -19.37 -24.29
C GLN B 99 17.97 -19.67 -23.61
N SER B 100 17.98 -19.88 -22.29
CA SER B 100 19.21 -20.18 -21.55
C SER B 100 19.45 -21.68 -21.50
N GLU B 101 20.67 -22.10 -21.14
CA GLU B 101 21.06 -23.51 -21.01
C GLU B 101 20.49 -24.09 -19.71
N GLY B 102 20.68 -25.41 -19.54
CA GLY B 102 20.22 -26.15 -18.37
C GLY B 102 18.94 -26.93 -18.65
N GLU B 103 18.75 -28.04 -17.93
CA GLU B 103 17.56 -28.90 -18.06
C GLU B 103 16.32 -28.10 -17.57
N ARG B 104 15.23 -28.15 -18.35
CA ARG B 104 13.95 -27.45 -18.10
C ARG B 104 13.41 -27.54 -16.68
N MET B 105 13.24 -26.35 -16.06
CA MET B 105 12.75 -26.13 -14.68
C MET B 105 13.42 -27.03 -13.66
N VAL B 106 14.76 -27.00 -13.59
CA VAL B 106 15.59 -27.71 -12.62
C VAL B 106 16.75 -26.80 -12.20
N VAL B 107 17.17 -26.90 -10.93
CA VAL B 107 18.30 -26.13 -10.38
C VAL B 107 18.98 -26.95 -9.27
N SER B 108 20.33 -26.91 -9.21
CA SER B 108 21.12 -27.62 -8.19
C SER B 108 20.78 -27.12 -6.77
N ASP B 109 20.60 -25.79 -6.64
CA ASP B 109 20.21 -25.09 -5.43
C ASP B 109 19.62 -23.75 -5.84
N PHE B 110 18.56 -23.30 -5.12
CA PHE B 110 17.89 -22.03 -5.44
C PHE B 110 18.83 -20.85 -5.53
N HIS B 111 19.93 -20.85 -4.74
CA HIS B 111 20.92 -19.77 -4.73
C HIS B 111 21.54 -19.46 -6.10
N VAL B 112 21.63 -20.49 -6.98
CA VAL B 112 22.19 -20.32 -8.33
C VAL B 112 21.58 -19.09 -9.04
N PHE B 113 20.25 -18.93 -8.93
CA PHE B 113 19.50 -17.81 -9.50
C PHE B 113 19.99 -16.45 -8.99
N VAL B 114 20.23 -16.35 -7.66
CA VAL B 114 20.70 -15.13 -6.98
C VAL B 114 22.14 -14.80 -7.41
N ARG B 115 23.03 -15.82 -7.40
CA ARG B 115 24.41 -15.73 -7.85
C ARG B 115 24.48 -15.14 -9.28
N ASP B 116 23.66 -15.65 -10.21
CA ASP B 116 23.61 -15.19 -11.61
C ASP B 116 23.05 -13.76 -11.82
N VAL B 117 22.07 -13.34 -11.00
CA VAL B 117 21.51 -11.97 -11.01
C VAL B 117 22.62 -11.02 -10.57
N LEU B 118 23.31 -11.32 -9.42
CA LEU B 118 24.41 -10.50 -8.89
C LEU B 118 25.54 -10.28 -9.94
N GLN B 119 25.95 -11.37 -10.61
CA GLN B 119 26.97 -11.34 -11.65
C GLN B 119 26.55 -10.36 -12.76
N HIS B 120 25.28 -10.44 -13.23
CA HIS B 120 24.76 -9.56 -14.28
C HIS B 120 24.71 -8.09 -13.82
N VAL B 121 24.18 -7.84 -12.61
CA VAL B 121 24.08 -6.52 -11.99
C VAL B 121 25.47 -5.88 -11.87
N ASP B 122 26.46 -6.63 -11.33
CA ASP B 122 27.84 -6.17 -11.16
C ASP B 122 28.52 -5.82 -12.48
N SER B 123 28.24 -6.58 -13.55
CA SER B 123 28.78 -6.29 -14.89
C SER B 123 28.24 -4.95 -15.39
N MET B 124 26.92 -4.75 -15.31
CA MET B 124 26.27 -3.52 -15.75
C MET B 124 26.66 -2.30 -14.95
N GLN B 125 26.88 -2.45 -13.64
CA GLN B 125 27.29 -1.38 -12.73
C GLN B 125 28.67 -0.85 -13.07
N LYS B 126 29.58 -1.75 -13.50
CA LYS B 126 30.95 -1.41 -13.90
C LYS B 126 30.93 -0.47 -15.12
N ASP B 127 30.08 -0.76 -16.14
CA ASP B 127 29.95 0.05 -17.35
C ASP B 127 29.21 1.37 -17.13
N TYR B 128 28.35 1.43 -16.09
CA TYR B 128 27.55 2.62 -15.75
C TYR B 128 27.75 2.95 -14.26
N PRO B 129 28.97 3.36 -13.82
CA PRO B 129 29.17 3.62 -12.38
C PRO B 129 28.36 4.78 -11.82
N GLY B 130 28.05 4.68 -10.53
CA GLY B 130 27.31 5.70 -9.79
C GLY B 130 25.81 5.76 -10.03
N LEU B 131 25.30 5.07 -11.06
CA LEU B 131 23.86 5.04 -11.34
C LEU B 131 23.11 4.17 -10.33
N PRO B 132 21.91 4.60 -9.88
CA PRO B 132 21.13 3.76 -8.93
C PRO B 132 20.57 2.50 -9.62
N VAL B 133 20.48 1.38 -8.88
CA VAL B 133 20.03 0.10 -9.40
C VAL B 133 18.71 -0.36 -8.76
N PHE B 134 17.74 -0.74 -9.60
CA PHE B 134 16.43 -1.23 -9.18
C PHE B 134 16.22 -2.69 -9.59
N LEU B 135 15.48 -3.44 -8.79
CA LEU B 135 15.14 -4.82 -9.11
C LEU B 135 13.65 -4.90 -9.33
N LEU B 136 13.21 -5.71 -10.31
CA LEU B 136 11.79 -5.94 -10.58
C LEU B 136 11.60 -7.45 -10.72
N GLY B 137 10.78 -8.03 -9.86
CA GLY B 137 10.57 -9.47 -9.86
C GLY B 137 9.14 -9.93 -9.72
N HIS B 138 8.78 -11.03 -10.41
CA HIS B 138 7.44 -11.63 -10.37
C HIS B 138 7.41 -13.11 -10.04
N SER B 139 6.68 -13.47 -8.98
CA SER B 139 6.54 -14.86 -8.50
C SER B 139 7.98 -15.24 -8.11
N MET B 140 8.53 -16.33 -8.69
CA MET B 140 9.85 -16.89 -8.32
C MET B 140 10.91 -15.76 -8.39
N GLY B 141 10.81 -14.92 -9.43
CA GLY B 141 11.66 -13.77 -9.66
C GLY B 141 11.56 -12.74 -8.56
N GLY B 142 10.44 -12.78 -7.83
CA GLY B 142 10.18 -11.92 -6.68
C GLY B 142 11.02 -12.39 -5.51
N ALA B 143 11.01 -13.72 -5.27
CA ALA B 143 11.82 -14.38 -4.23
C ALA B 143 13.32 -14.14 -4.50
N ILE B 144 13.76 -14.31 -5.78
CA ILE B 144 15.13 -14.08 -6.25
C ILE B 144 15.57 -12.63 -5.96
N ALA B 145 14.68 -11.63 -6.27
CA ALA B 145 14.96 -10.21 -6.03
C ALA B 145 15.14 -9.95 -4.54
N ILE B 146 14.21 -10.48 -3.68
CA ILE B 146 14.27 -10.34 -2.22
C ILE B 146 15.62 -10.85 -1.73
N LEU B 147 15.97 -12.10 -2.10
CA LEU B 147 17.23 -12.74 -1.73
C LEU B 147 18.49 -12.02 -2.30
N THR B 148 18.36 -11.31 -3.45
CA THR B 148 19.43 -10.54 -4.09
C THR B 148 19.69 -9.26 -3.30
N ALA B 149 18.63 -8.65 -2.76
CA ALA B 149 18.71 -7.42 -1.96
C ALA B 149 19.28 -7.72 -0.56
N ALA B 150 18.98 -8.90 0.00
CA ALA B 150 19.45 -9.33 1.32
C ALA B 150 20.96 -9.56 1.35
N GLU B 151 21.54 -9.97 0.22
CA GLU B 151 22.97 -10.22 0.07
C GLU B 151 23.76 -8.91 -0.07
N ARG B 152 23.13 -7.85 -0.57
CA ARG B 152 23.78 -6.56 -0.77
C ARG B 152 23.00 -5.45 -0.05
N PRO B 153 23.03 -5.36 1.31
CA PRO B 153 22.25 -4.31 1.98
C PRO B 153 22.70 -2.89 1.64
N GLY B 154 21.72 -2.01 1.41
CA GLY B 154 21.91 -0.60 1.08
C GLY B 154 22.51 -0.32 -0.28
N HIS B 155 22.56 -1.36 -1.13
CA HIS B 155 23.12 -1.31 -2.48
C HIS B 155 22.08 -0.87 -3.48
N PHE B 156 20.82 -1.31 -3.30
CA PHE B 156 19.79 -1.00 -4.28
C PHE B 156 18.89 0.16 -3.94
N ALA B 157 18.58 0.97 -4.97
CA ALA B 157 17.69 2.12 -4.86
C ALA B 157 16.20 1.73 -4.61
N GLY B 158 15.82 0.50 -4.96
CA GLY B 158 14.47 -0.01 -4.78
C GLY B 158 14.19 -1.37 -5.38
N MET B 159 13.00 -1.94 -5.04
CA MET B 159 12.54 -3.26 -5.48
C MET B 159 11.03 -3.21 -5.81
N VAL B 160 10.62 -3.68 -6.99
CA VAL B 160 9.20 -3.76 -7.35
C VAL B 160 8.79 -5.22 -7.50
N LEU B 161 7.79 -5.64 -6.70
CA LEU B 161 7.36 -7.03 -6.63
C LEU B 161 5.95 -7.28 -7.11
N ILE B 162 5.78 -8.07 -8.20
CA ILE B 162 4.47 -8.41 -8.75
C ILE B 162 4.18 -9.85 -8.26
N SER B 163 3.23 -10.02 -7.29
CA SER B 163 2.83 -11.31 -6.68
C SER B 163 4.04 -12.24 -6.44
N PRO B 164 4.92 -11.93 -5.45
CA PRO B 164 6.12 -12.75 -5.28
C PRO B 164 5.88 -14.05 -4.54
N LEU B 165 6.77 -15.02 -4.76
CA LEU B 165 6.78 -16.31 -4.11
C LEU B 165 7.33 -16.08 -2.70
N VAL B 166 6.46 -16.02 -1.69
CA VAL B 166 6.85 -15.76 -0.30
C VAL B 166 6.29 -16.76 0.71
N LEU B 167 5.15 -17.37 0.39
CA LEU B 167 4.42 -18.27 1.29
C LEU B 167 3.99 -19.56 0.62
N ALA B 168 4.10 -20.68 1.35
CA ALA B 168 3.66 -21.98 0.85
C ALA B 168 2.34 -22.39 1.51
N ASN B 169 1.46 -23.10 0.78
CA ASN B 169 0.21 -23.61 1.36
C ASN B 169 0.63 -24.51 2.55
N PRO B 170 0.09 -24.24 3.73
CA PRO B 170 0.58 -24.87 4.96
C PRO B 170 0.34 -26.37 4.97
N GLU B 171 -0.74 -26.80 4.33
CA GLU B 171 -1.18 -28.19 4.42
C GLU B 171 -0.63 -29.03 3.29
N SER B 172 0.45 -28.55 2.67
CA SER B 172 1.20 -29.34 1.70
C SER B 172 2.70 -29.29 2.00
N ALA B 173 3.06 -28.58 3.06
CA ALA B 173 4.47 -28.40 3.43
C ALA B 173 4.78 -28.82 4.88
N THR B 174 3.98 -29.74 5.43
CA THR B 174 4.12 -30.31 6.78
C THR B 174 5.38 -31.21 6.82
N THR B 175 5.84 -31.60 8.05
CA THR B 175 7.03 -32.47 8.24
C THR B 175 6.90 -33.78 7.47
N PHE B 176 5.67 -34.35 7.48
CA PHE B 176 5.23 -35.54 6.74
C PHE B 176 5.30 -35.28 5.22
N LYS B 177 4.66 -34.19 4.72
CA LYS B 177 4.67 -33.84 3.28
C LYS B 177 6.08 -33.58 2.75
N VAL B 178 6.96 -33.01 3.58
CA VAL B 178 8.36 -32.75 3.23
C VAL B 178 9.13 -34.07 3.17
N LEU B 179 8.93 -34.96 4.17
CA LEU B 179 9.59 -36.29 4.19
C LEU B 179 9.15 -37.15 2.99
N ALA B 180 7.83 -37.18 2.69
CA ALA B 180 7.21 -37.88 1.55
C ALA B 180 7.87 -37.44 0.23
N ALA B 181 7.93 -36.12 -0.04
CA ALA B 181 8.54 -35.54 -1.24
C ALA B 181 10.02 -35.88 -1.35
N LYS B 182 10.80 -35.70 -0.25
CA LYS B 182 12.24 -36.02 -0.22
C LYS B 182 12.56 -37.48 -0.52
N VAL B 183 11.73 -38.41 -0.01
CA VAL B 183 11.84 -39.86 -0.25
C VAL B 183 11.58 -40.14 -1.73
N LEU B 184 10.53 -39.49 -2.26
CA LEU B 184 10.09 -39.58 -3.65
C LEU B 184 11.16 -39.03 -4.59
N ASN B 185 11.86 -37.96 -4.17
CA ASN B 185 12.93 -37.32 -4.93
C ASN B 185 14.11 -38.26 -5.23
N LEU B 186 14.37 -39.24 -4.36
CA LEU B 186 15.45 -40.21 -4.53
C LEU B 186 15.14 -41.24 -5.60
N VAL B 187 13.85 -41.60 -5.75
CA VAL B 187 13.42 -42.60 -6.72
C VAL B 187 12.98 -41.91 -8.03
N LEU B 188 12.07 -40.92 -7.94
CA LEU B 188 11.53 -40.23 -9.11
C LEU B 188 11.68 -38.71 -9.00
N PRO B 189 12.90 -38.13 -9.13
CA PRO B 189 13.01 -36.66 -9.00
C PRO B 189 12.30 -35.88 -10.11
N ASN B 190 12.20 -36.49 -11.31
CA ASN B 190 11.55 -35.90 -12.50
C ASN B 190 10.01 -36.04 -12.45
N LEU B 191 9.48 -36.76 -11.43
CA LEU B 191 8.04 -36.94 -11.26
C LEU B 191 7.40 -35.59 -11.06
N SER B 192 6.49 -35.24 -11.99
CA SER B 192 5.73 -33.99 -12.08
C SER B 192 4.43 -34.00 -11.22
N LEU B 193 3.98 -32.80 -10.85
CA LEU B 193 2.79 -32.56 -10.04
C LEU B 193 1.52 -32.49 -10.91
N GLY B 194 1.70 -32.41 -12.23
CA GLY B 194 0.58 -32.30 -13.16
C GLY B 194 0.34 -30.86 -13.53
N PRO B 195 0.19 -30.55 -14.84
CA PRO B 195 0.02 -29.14 -15.26
C PRO B 195 -1.11 -28.39 -14.55
N ILE B 196 -0.85 -27.11 -14.25
CA ILE B 196 -1.82 -26.24 -13.59
C ILE B 196 -2.88 -25.80 -14.61
N ASP B 197 -4.07 -25.38 -14.14
CA ASP B 197 -5.09 -24.90 -15.07
C ASP B 197 -4.73 -23.46 -15.41
N SER B 198 -4.34 -23.21 -16.67
CA SER B 198 -3.90 -21.90 -17.15
C SER B 198 -4.92 -20.77 -16.94
N SER B 199 -6.19 -21.09 -16.68
CA SER B 199 -7.22 -20.07 -16.44
C SER B 199 -7.02 -19.33 -15.09
N VAL B 200 -6.29 -19.93 -14.13
CA VAL B 200 -6.02 -19.33 -12.81
C VAL B 200 -4.95 -18.22 -12.86
N LEU B 201 -4.22 -18.14 -13.97
CA LEU B 201 -3.13 -17.18 -14.21
C LEU B 201 -3.64 -15.75 -14.39
N SER B 202 -4.65 -15.57 -15.28
CA SER B 202 -5.23 -14.27 -15.60
C SER B 202 -6.69 -14.40 -15.96
N ARG B 203 -7.48 -13.35 -15.70
CA ARG B 203 -8.91 -13.28 -16.04
C ARG B 203 -9.06 -12.94 -17.53
N ASN B 204 -7.99 -12.41 -18.14
CA ASN B 204 -7.92 -12.02 -19.54
C ASN B 204 -7.73 -13.29 -20.41
N LYS B 205 -8.81 -13.71 -21.11
CA LYS B 205 -8.83 -14.91 -21.96
C LYS B 205 -7.81 -14.91 -23.11
N THR B 206 -7.51 -13.71 -23.69
CA THR B 206 -6.50 -13.52 -24.74
C THR B 206 -5.10 -13.81 -24.20
N GLU B 207 -4.76 -13.23 -23.04
CA GLU B 207 -3.46 -13.40 -22.39
C GLU B 207 -3.17 -14.84 -21.98
N VAL B 208 -4.20 -15.62 -21.60
CA VAL B 208 -4.09 -17.05 -21.26
C VAL B 208 -3.73 -17.79 -22.57
N ASP B 209 -4.37 -17.40 -23.69
CA ASP B 209 -4.14 -17.98 -25.01
C ASP B 209 -2.71 -17.72 -25.52
N ILE B 210 -2.16 -16.50 -25.28
CA ILE B 210 -0.79 -16.11 -25.64
C ILE B 210 0.17 -17.00 -24.84
N TYR B 211 -0.09 -17.12 -23.52
CA TYR B 211 0.70 -17.93 -22.60
C TYR B 211 0.74 -19.38 -23.10
N ASN B 212 -0.43 -20.00 -23.33
CA ASN B 212 -0.56 -21.38 -23.80
C ASN B 212 0.07 -21.71 -25.17
N SER B 213 0.45 -20.68 -25.97
CA SER B 213 1.05 -20.88 -27.29
C SER B 213 2.51 -20.37 -27.46
N ASP B 214 3.14 -19.80 -26.41
CA ASP B 214 4.53 -19.31 -26.48
C ASP B 214 5.48 -20.52 -26.34
N PRO B 215 6.33 -20.80 -27.37
CA PRO B 215 7.22 -21.97 -27.30
C PRO B 215 8.33 -21.90 -26.24
N LEU B 216 8.67 -20.70 -25.77
CA LEU B 216 9.69 -20.45 -24.76
C LEU B 216 9.18 -20.66 -23.33
N ILE B 217 7.84 -20.81 -23.17
CA ILE B 217 7.19 -21.08 -21.89
C ILE B 217 7.13 -22.61 -21.62
N CYS B 218 7.55 -23.04 -20.42
CA CYS B 218 7.47 -24.44 -19.99
C CYS B 218 6.15 -24.64 -19.23
N ARG B 219 5.15 -25.26 -19.90
CA ARG B 219 3.80 -25.46 -19.33
C ARG B 219 3.60 -26.79 -18.59
N ALA B 220 4.65 -27.65 -18.59
CA ALA B 220 4.67 -28.94 -17.89
C ALA B 220 4.52 -28.70 -16.39
N GLY B 221 4.00 -29.70 -15.67
CA GLY B 221 3.79 -29.63 -14.23
C GLY B 221 5.08 -29.50 -13.43
N LEU B 222 4.95 -29.13 -12.14
CA LEU B 222 6.08 -28.94 -11.22
C LEU B 222 6.74 -30.29 -10.86
N LYS B 223 8.07 -30.41 -11.07
CA LYS B 223 8.80 -31.63 -10.70
C LYS B 223 9.14 -31.58 -9.21
N VAL B 224 9.16 -32.76 -8.54
CA VAL B 224 9.45 -32.93 -7.11
C VAL B 224 10.69 -32.13 -6.70
N CYS B 225 11.83 -32.32 -7.40
CA CYS B 225 13.08 -31.61 -7.09
C CYS B 225 12.98 -30.09 -7.12
N PHE B 226 12.37 -29.53 -8.17
CA PHE B 226 12.19 -28.09 -8.27
C PHE B 226 11.22 -27.57 -7.19
N GLY B 227 10.21 -28.40 -6.86
CA GLY B 227 9.22 -28.14 -5.81
C GLY B 227 9.89 -27.98 -4.45
N ILE B 228 10.91 -28.84 -4.17
CA ILE B 228 11.76 -28.79 -2.98
C ILE B 228 12.54 -27.44 -2.96
N GLN B 229 13.15 -27.07 -4.11
CA GLN B 229 13.91 -25.83 -4.28
C GLN B 229 13.10 -24.56 -4.02
N LEU B 230 11.81 -24.56 -4.42
CA LEU B 230 10.90 -23.43 -4.22
C LEU B 230 10.53 -23.28 -2.75
N LEU B 231 10.54 -24.40 -2.01
CA LEU B 231 10.29 -24.39 -0.56
C LEU B 231 11.49 -23.82 0.18
N ASN B 232 12.71 -24.08 -0.34
CA ASN B 232 13.96 -23.51 0.22
C ASN B 232 13.90 -21.99 0.07
N ALA B 233 13.53 -21.51 -1.14
CA ALA B 233 13.34 -20.10 -1.47
C ALA B 233 12.40 -19.41 -0.46
N VAL B 234 11.24 -20.04 -0.16
CA VAL B 234 10.22 -19.55 0.81
C VAL B 234 10.81 -19.44 2.24
N SER B 235 11.59 -20.45 2.63
CA SER B 235 12.24 -20.55 3.93
C SER B 235 13.34 -19.50 4.07
N ARG B 236 14.05 -19.21 2.96
CA ARG B 236 15.13 -18.24 2.90
C ARG B 236 14.60 -16.82 2.86
N VAL B 237 13.43 -16.62 2.21
CA VAL B 237 12.77 -15.32 2.15
C VAL B 237 12.32 -14.98 3.58
N GLU B 238 11.73 -15.96 4.30
CA GLU B 238 11.27 -15.84 5.70
C GLU B 238 12.42 -15.42 6.63
N ARG B 239 13.59 -16.04 6.50
CA ARG B 239 14.78 -15.73 7.30
C ARG B 239 15.43 -14.37 6.95
N ALA B 240 15.27 -13.89 5.71
CA ALA B 240 15.83 -12.62 5.23
C ALA B 240 15.02 -11.39 5.62
N LEU B 241 13.70 -11.54 5.79
CA LEU B 241 12.78 -10.45 6.16
C LEU B 241 13.23 -9.54 7.32
N PRO B 242 13.73 -10.06 8.46
CA PRO B 242 14.20 -9.16 9.53
C PRO B 242 15.38 -8.25 9.15
N LYS B 243 16.05 -8.51 8.03
CA LYS B 243 17.18 -7.68 7.57
C LYS B 243 16.91 -6.96 6.22
N LEU B 244 15.70 -7.15 5.64
CA LEU B 244 15.33 -6.55 4.36
C LEU B 244 15.02 -5.07 4.55
N THR B 245 15.89 -4.21 4.04
CA THR B 245 15.79 -2.75 4.20
C THR B 245 15.53 -1.94 2.92
N VAL B 246 15.59 -2.60 1.76
CA VAL B 246 15.39 -1.98 0.44
C VAL B 246 13.97 -1.35 0.25
N PRO B 247 13.85 -0.11 -0.30
CA PRO B 247 12.50 0.44 -0.55
C PRO B 247 11.75 -0.43 -1.54
N PHE B 248 10.49 -0.78 -1.24
CA PHE B 248 9.72 -1.62 -2.17
C PHE B 248 8.30 -1.24 -2.42
N LEU B 249 7.83 -1.55 -3.64
CA LEU B 249 6.46 -1.43 -4.11
C LEU B 249 5.98 -2.90 -4.33
N LEU B 250 4.87 -3.27 -3.70
CA LEU B 250 4.31 -4.62 -3.76
C LEU B 250 2.93 -4.60 -4.40
N LEU B 251 2.76 -5.31 -5.53
CA LEU B 251 1.50 -5.40 -6.27
C LEU B 251 0.98 -6.83 -6.15
N GLN B 252 -0.25 -6.99 -5.61
CA GLN B 252 -0.84 -8.31 -5.36
C GLN B 252 -2.33 -8.38 -5.71
N GLY B 253 -2.75 -9.51 -6.29
CA GLY B 253 -4.15 -9.78 -6.66
C GLY B 253 -4.86 -10.56 -5.57
N SER B 254 -6.08 -10.10 -5.20
CA SER B 254 -6.90 -10.70 -4.13
C SER B 254 -7.29 -12.15 -4.42
N ALA B 255 -7.53 -12.50 -5.70
CA ALA B 255 -7.95 -13.84 -6.12
C ALA B 255 -6.82 -14.68 -6.74
N ASP B 256 -5.58 -14.49 -6.28
CA ASP B 256 -4.39 -15.24 -6.73
C ASP B 256 -4.45 -16.63 -6.09
N ARG B 257 -4.55 -17.66 -6.92
CA ARG B 257 -4.64 -19.04 -6.45
C ARG B 257 -3.27 -19.74 -6.38
N LEU B 258 -2.19 -19.04 -6.82
CA LEU B 258 -0.81 -19.55 -6.84
C LEU B 258 0.00 -18.99 -5.68
N CYS B 259 -0.01 -17.65 -5.52
CA CYS B 259 0.66 -16.96 -4.43
C CYS B 259 -0.45 -16.28 -3.64
N ASP B 260 -0.91 -16.92 -2.53
CA ASP B 260 -1.98 -16.37 -1.67
C ASP B 260 -1.64 -14.98 -1.19
N SER B 261 -2.63 -14.07 -1.23
CA SER B 261 -2.49 -12.68 -0.79
C SER B 261 -2.02 -12.56 0.65
N LYS B 262 -2.29 -13.59 1.49
CA LYS B 262 -1.85 -13.68 2.88
C LYS B 262 -0.35 -13.36 2.97
N GLY B 263 0.46 -13.96 2.10
CA GLY B 263 1.89 -13.75 1.99
C GLY B 263 2.30 -12.30 1.75
N ALA B 264 1.53 -11.53 0.96
CA ALA B 264 1.78 -10.10 0.71
C ALA B 264 1.58 -9.27 1.96
N TYR B 265 0.57 -9.63 2.78
CA TYR B 265 0.28 -8.95 4.04
C TYR B 265 1.35 -9.24 5.07
N LEU B 266 1.90 -10.49 5.06
CA LEU B 266 2.99 -10.86 5.97
C LEU B 266 4.28 -10.13 5.58
N LEU B 267 4.56 -10.05 4.26
CA LEU B 267 5.72 -9.37 3.69
C LEU B 267 5.72 -7.89 4.09
N MET B 268 4.54 -7.23 4.05
CA MET B 268 4.45 -5.83 4.43
C MET B 268 4.69 -5.63 5.91
N GLU B 269 4.29 -6.62 6.72
CA GLU B 269 4.41 -6.57 8.18
C GLU B 269 5.81 -6.93 8.67
N LEU B 270 6.42 -8.02 8.15
CA LEU B 270 7.71 -8.55 8.59
C LEU B 270 9.00 -7.92 8.02
N ALA B 271 8.93 -7.24 6.86
CA ALA B 271 10.10 -6.59 6.25
C ALA B 271 10.47 -5.35 7.05
N LYS B 272 11.77 -5.04 7.14
CA LYS B 272 12.20 -3.87 7.93
C LYS B 272 12.24 -2.53 7.18
N SER B 273 12.04 -2.57 5.85
CA SER B 273 12.06 -1.39 4.97
C SER B 273 11.28 -0.22 5.52
N GLN B 274 11.86 0.97 5.44
CA GLN B 274 11.27 2.22 5.92
C GLN B 274 10.32 2.80 4.86
N ASP B 275 10.49 2.36 3.59
CA ASP B 275 9.75 2.80 2.41
C ASP B 275 9.06 1.58 1.76
N LYS B 276 7.85 1.25 2.24
CA LYS B 276 7.10 0.10 1.74
C LYS B 276 5.66 0.44 1.39
N THR B 277 5.26 0.11 0.15
CA THR B 277 3.90 0.37 -0.35
C THR B 277 3.27 -0.92 -0.87
N LEU B 278 1.98 -1.13 -0.51
CA LEU B 278 1.20 -2.28 -0.96
C LEU B 278 -0.03 -1.83 -1.77
N LYS B 279 -0.28 -2.49 -2.91
CA LYS B 279 -1.45 -2.24 -3.73
C LYS B 279 -2.16 -3.56 -4.03
N ILE B 280 -3.45 -3.65 -3.63
CA ILE B 280 -4.29 -4.84 -3.84
C ILE B 280 -5.24 -4.59 -5.01
N TYR B 281 -5.26 -5.52 -5.96
CA TYR B 281 -6.14 -5.52 -7.13
C TYR B 281 -7.25 -6.53 -6.85
N GLU B 282 -8.43 -6.03 -6.45
CA GLU B 282 -9.60 -6.83 -6.07
C GLU B 282 -10.15 -7.69 -7.20
N GLY B 283 -10.17 -9.01 -6.98
CA GLY B 283 -10.66 -9.99 -7.95
C GLY B 283 -9.64 -10.48 -8.96
N ALA B 284 -8.50 -9.76 -9.08
CA ALA B 284 -7.41 -10.07 -10.01
C ALA B 284 -6.64 -11.32 -9.61
N TYR B 285 -6.11 -12.03 -10.63
CA TYR B 285 -5.37 -13.29 -10.50
C TYR B 285 -3.84 -13.10 -10.33
N HIS B 286 -3.04 -14.06 -10.78
CA HIS B 286 -1.59 -14.07 -10.62
C HIS B 286 -0.77 -13.09 -11.49
N VAL B 287 -0.86 -13.21 -12.82
CA VAL B 287 -0.05 -12.39 -13.72
C VAL B 287 -0.68 -10.99 -13.89
N LEU B 288 -0.44 -10.09 -12.91
CA LEU B 288 -0.99 -8.74 -12.84
C LEU B 288 -0.63 -7.80 -13.99
N HIS B 289 0.51 -8.06 -14.65
CA HIS B 289 0.98 -7.27 -15.80
C HIS B 289 0.45 -7.87 -17.10
N LYS B 290 -0.33 -8.97 -16.99
CA LYS B 290 -0.96 -9.69 -18.09
C LYS B 290 -2.46 -9.97 -17.76
N GLU B 291 -3.05 -9.11 -16.92
CA GLU B 291 -4.44 -9.22 -16.47
C GLU B 291 -5.39 -8.41 -17.38
N LEU B 292 -6.60 -8.08 -16.87
CA LEU B 292 -7.56 -7.27 -17.61
C LEU B 292 -7.01 -5.85 -17.82
N PRO B 293 -7.28 -5.20 -18.99
CA PRO B 293 -6.73 -3.85 -19.24
C PRO B 293 -6.78 -2.85 -18.09
N GLU B 294 -7.86 -2.90 -17.29
CA GLU B 294 -8.08 -2.04 -16.12
C GLU B 294 -6.93 -2.21 -15.12
N VAL B 295 -6.62 -3.49 -14.75
CA VAL B 295 -5.55 -3.88 -13.82
C VAL B 295 -4.16 -3.56 -14.41
N THR B 296 -3.90 -4.00 -15.66
CA THR B 296 -2.64 -3.82 -16.38
C THR B 296 -2.20 -2.34 -16.57
N ASN B 297 -3.12 -1.46 -17.01
CA ASN B 297 -2.83 -0.04 -17.20
C ASN B 297 -2.48 0.64 -15.89
N SER B 298 -3.18 0.26 -14.80
CA SER B 298 -2.93 0.77 -13.44
C SER B 298 -1.54 0.31 -12.98
N VAL B 299 -1.23 -0.99 -13.14
CA VAL B 299 0.05 -1.62 -12.80
C VAL B 299 1.22 -0.84 -13.45
N PHE B 300 1.12 -0.57 -14.77
CA PHE B 300 2.12 0.16 -15.56
C PHE B 300 2.33 1.59 -15.03
N HIS B 301 1.22 2.31 -14.75
CA HIS B 301 1.25 3.67 -14.24
C HIS B 301 1.85 3.70 -12.82
N GLU B 302 1.47 2.71 -11.98
CA GLU B 302 1.96 2.61 -10.61
C GLU B 302 3.48 2.40 -10.58
N ILE B 303 4.00 1.49 -11.43
CA ILE B 303 5.44 1.23 -11.54
C ILE B 303 6.14 2.48 -12.11
N ASN B 304 5.50 3.15 -13.09
CA ASN B 304 5.99 4.39 -13.68
C ASN B 304 6.17 5.46 -12.58
N MET B 305 5.12 5.74 -11.78
CA MET B 305 5.18 6.76 -10.71
C MET B 305 6.22 6.46 -9.61
N TRP B 306 6.25 5.21 -9.10
CA TRP B 306 7.15 4.78 -8.02
C TRP B 306 8.62 4.87 -8.39
N VAL B 307 8.99 4.38 -9.59
CA VAL B 307 10.37 4.41 -10.10
C VAL B 307 10.79 5.85 -10.41
N SER B 308 9.91 6.63 -11.08
CA SER B 308 10.12 8.05 -11.44
C SER B 308 10.38 8.94 -10.23
N GLN B 309 9.65 8.71 -9.11
CA GLN B 309 9.82 9.47 -7.88
C GLN B 309 11.16 9.19 -7.23
N ARG B 310 11.67 7.94 -7.37
CA ARG B 310 12.93 7.50 -6.77
C ARG B 310 14.17 7.70 -7.66
N THR B 311 13.99 8.39 -8.80
CA THR B 311 15.05 8.77 -9.73
C THR B 311 15.12 10.32 -9.83
N ALA B 312 16.10 10.85 -10.57
CA ALA B 312 16.28 12.30 -10.75
C ALA B 312 16.78 12.64 -12.15
#